data_3IU9
#
_entry.id   3IU9
#
_cell.length_a   106.216
_cell.length_b   106.216
_cell.length_c   50.794
_cell.angle_alpha   90.000
_cell.angle_beta   90.000
_cell.angle_gamma   120.000
#
_symmetry.space_group_name_H-M   'P 63'
#
loop_
_entity.id
_entity.type
_entity.pdbx_description
1 polymer 'Methionine aminopeptidase'
2 non-polymer 'NICKEL (II) ION'
3 non-polymer 5-[(2,4-dichlorobenzyl)sulfanyl]-4H-1,2,4-triazol-3-amine
4 non-polymer 'SULFATE ION'
5 non-polymer 'CHLORIDE ION'
6 water water
#
_entity_poly.entity_id   1
_entity_poly.type   'polypeptide(L)'
_entity_poly.pdbx_seq_one_letter_code
;MASMPSRTALSPGVLSPTRPVPNWIARPEYVGKPAAQEGSEPWVQTPEVIEKMRVAGRIAAGALAEAGKAVAPGVTTDEL
DRIAHEYLVDNGAYPSTLGYKGFPKSCCTSLNEVICHGIPDSTVITDGDIVNIDVTAYIGGVHGDTNATFPAGDVADEHR
LLVDRTREATMRAINTVKPGRALSVIGRVIESYANRFGYNVVRDFTGHGIGTTFHNGLVVLHYDQPAVETIMQPGMTFTI
EPMINLGALDYEIWDDGWTVVTKDRKWTAQFEHTLLVTDTGVEILTCL
;
_entity_poly.pdbx_strand_id   A
#
loop_
_chem_comp.id
_chem_comp.type
_chem_comp.name
_chem_comp.formula
CL non-polymer 'CHLORIDE ION' 'Cl -1'
NI non-polymer 'NICKEL (II) ION' 'Ni 2'
SO4 non-polymer 'SULFATE ION' 'O4 S -2'
T07 non-polymer 5-[(2,4-dichlorobenzyl)sulfanyl]-4H-1,2,4-triazol-3-amine 'C9 H8 Cl2 N4 S'
#
# COMPACT_ATOMS: atom_id res chain seq x y z
N PRO A 5 15.44 -8.42 22.32
CA PRO A 5 16.18 -7.76 21.17
C PRO A 5 15.63 -8.11 19.76
N SER A 6 15.57 -7.11 18.86
CA SER A 6 15.00 -7.20 17.47
C SER A 6 16.15 -7.28 16.47
N ARG A 7 15.92 -7.64 15.17
CA ARG A 7 17.11 -7.82 14.27
C ARG A 7 17.78 -6.46 14.06
N THR A 8 18.99 -6.46 13.48
CA THR A 8 19.63 -5.23 13.07
C THR A 8 19.25 -4.78 11.63
N ALA A 9 19.92 -3.69 11.17
CA ALA A 9 19.48 -3.07 9.92
C ALA A 9 19.51 -4.05 8.73
N LEU A 10 18.48 -3.99 7.86
CA LEU A 10 18.46 -4.72 6.60
C LEU A 10 19.44 -4.27 5.47
N SER A 11 19.82 -5.25 4.64
CA SER A 11 20.50 -5.06 3.34
C SER A 11 19.78 -5.79 2.26
N PRO A 12 19.95 -5.33 1.01
CA PRO A 12 19.30 -5.97 -0.12
C PRO A 12 19.85 -7.35 -0.45
N GLY A 13 18.97 -8.27 -0.89
CA GLY A 13 19.39 -9.56 -1.33
C GLY A 13 19.30 -9.77 -2.82
N VAL A 14 19.12 -10.99 -3.29
CA VAL A 14 19.18 -11.35 -4.72
C VAL A 14 17.72 -11.60 -5.15
N LEU A 15 17.37 -11.17 -6.37
CA LEU A 15 16.01 -11.41 -6.86
C LEU A 15 15.92 -12.77 -7.55
N SER A 16 14.75 -13.44 -7.46
CA SER A 16 14.42 -14.58 -8.28
C SER A 16 14.15 -14.13 -9.72
N PRO A 17 14.12 -15.09 -10.66
CA PRO A 17 13.78 -14.83 -12.04
C PRO A 17 12.40 -14.19 -12.15
N THR A 18 12.23 -13.41 -13.22
CA THR A 18 10.90 -12.71 -13.41
C THR A 18 9.83 -13.75 -13.56
N ARG A 19 8.72 -13.50 -12.86
CA ARG A 19 7.59 -14.44 -12.86
C ARG A 19 6.68 -14.12 -14.03
N PRO A 20 6.33 -15.13 -14.83
CA PRO A 20 5.53 -14.84 -16.04
C PRO A 20 4.03 -14.68 -15.73
N VAL A 21 3.39 -14.00 -16.67
CA VAL A 21 1.90 -13.83 -16.56
C VAL A 21 1.33 -14.34 -17.90
N PRO A 22 0.33 -15.27 -17.87
CA PRO A 22 -0.28 -15.76 -19.14
C PRO A 22 -0.69 -14.63 -20.08
N ASN A 23 -0.57 -14.82 -21.40
CA ASN A 23 -0.79 -13.66 -22.25
C ASN A 23 -2.20 -13.17 -22.36
N TRP A 24 -3.19 -14.05 -22.03
CA TRP A 24 -4.61 -13.65 -22.05
C TRP A 24 -5.01 -12.67 -20.92
N ILE A 25 -4.08 -12.41 -19.99
CA ILE A 25 -4.36 -11.43 -18.92
C ILE A 25 -3.84 -10.07 -19.41
N ALA A 26 -4.76 -9.08 -19.63
CA ALA A 26 -4.34 -7.81 -20.26
C ALA A 26 -3.33 -7.05 -19.39
N ARG A 27 -2.32 -6.48 -20.05
CA ARG A 27 -1.28 -5.74 -19.27
C ARG A 27 -1.76 -4.28 -19.11
N PRO A 28 -1.42 -3.65 -17.98
CA PRO A 28 -1.62 -2.16 -17.90
C PRO A 28 -0.71 -1.51 -18.93
N GLU A 29 -1.02 -0.28 -19.36
CA GLU A 29 -0.35 0.29 -20.51
C GLU A 29 1.15 0.51 -20.26
N TYR A 30 1.51 0.64 -19.02
CA TYR A 30 2.91 1.08 -18.73
C TYR A 30 3.88 -0.08 -18.78
N VAL A 31 3.42 -1.32 -18.86
CA VAL A 31 4.35 -2.45 -18.84
C VAL A 31 5.18 -2.37 -20.17
N GLY A 32 6.49 -2.40 -20.05
CA GLY A 32 7.28 -2.30 -21.31
C GLY A 32 7.67 -0.85 -21.67
N LYS A 33 7.20 0.14 -20.87
CA LYS A 33 7.49 1.60 -21.01
C LYS A 33 8.29 2.15 -19.84
N PRO A 34 9.02 3.29 -20.02
CA PRO A 34 9.79 3.65 -18.88
C PRO A 34 8.99 4.50 -17.83
N ALA A 35 7.83 5.06 -18.22
CA ALA A 35 7.03 5.87 -17.28
C ALA A 35 5.58 5.36 -17.46
N ALA A 36 4.63 5.96 -16.73
CA ALA A 36 3.22 5.55 -16.75
C ALA A 36 2.35 6.73 -17.20
N GLN A 37 1.27 6.37 -17.91
CA GLN A 37 0.23 7.33 -18.31
C GLN A 37 -0.81 7.51 -17.19
N GLU A 38 -0.54 8.48 -16.32
CA GLU A 38 -1.36 8.71 -15.09
C GLU A 38 -1.17 10.08 -14.53
N GLY A 39 -2.20 10.60 -13.90
CA GLY A 39 -2.10 11.86 -13.17
C GLY A 39 -3.01 12.95 -13.68
N SER A 40 -3.77 12.68 -14.75
CA SER A 40 -4.67 13.74 -15.30
C SER A 40 -6.06 13.12 -15.52
N GLU A 41 -6.42 12.08 -14.75
CA GLU A 41 -7.73 11.41 -14.99
C GLU A 41 -8.80 12.03 -14.07
N PRO A 42 -10.08 11.84 -14.43
CA PRO A 42 -11.16 12.37 -13.55
C PRO A 42 -11.11 11.70 -12.20
N TRP A 43 -11.62 12.34 -11.15
CA TRP A 43 -11.50 11.74 -9.82
C TRP A 43 -12.83 10.98 -9.47
N VAL A 44 -13.98 11.40 -10.06
CA VAL A 44 -15.23 10.69 -9.84
C VAL A 44 -15.38 9.58 -10.90
N GLN A 45 -15.64 8.36 -10.46
CA GLN A 45 -15.80 7.23 -11.40
C GLN A 45 -17.25 7.02 -11.80
N THR A 46 -17.42 6.40 -12.96
CA THR A 46 -18.75 5.97 -13.43
C THR A 46 -19.15 4.69 -12.71
N PRO A 47 -20.46 4.39 -12.70
CA PRO A 47 -20.89 3.19 -12.05
C PRO A 47 -20.25 1.93 -12.59
N GLU A 48 -20.02 1.89 -13.91
CA GLU A 48 -19.43 0.68 -14.52
C GLU A 48 -18.01 0.53 -14.01
N VAL A 49 -17.25 1.63 -13.97
CA VAL A 49 -15.86 1.54 -13.45
C VAL A 49 -15.89 1.10 -11.94
N ILE A 50 -16.81 1.64 -11.11
CA ILE A 50 -16.89 1.28 -9.75
C ILE A 50 -17.13 -0.22 -9.56
N GLU A 51 -17.99 -0.80 -10.41
CA GLU A 51 -18.32 -2.18 -10.26
C GLU A 51 -17.02 -3.01 -10.56
N LYS A 52 -16.32 -2.58 -11.59
CA LYS A 52 -15.05 -3.30 -11.91
C LYS A 52 -14.04 -3.14 -10.79
N MET A 53 -14.03 -1.97 -10.19
CA MET A 53 -13.08 -1.79 -9.06
C MET A 53 -13.40 -2.65 -7.82
N ARG A 54 -14.69 -2.96 -7.61
CA ARG A 54 -15.01 -3.89 -6.56
C ARG A 54 -14.42 -5.23 -6.80
N VAL A 55 -14.38 -5.69 -8.06
CA VAL A 55 -13.72 -6.99 -8.43
C VAL A 55 -12.25 -6.94 -8.18
N ALA A 56 -11.58 -5.91 -8.76
CA ALA A 56 -10.13 -5.76 -8.54
C ALA A 56 -9.79 -5.68 -7.07
N GLY A 57 -10.54 -4.93 -6.33
CA GLY A 57 -10.23 -4.71 -4.89
C GLY A 57 -10.38 -6.03 -4.11
N ARG A 58 -11.43 -6.83 -4.38
CA ARG A 58 -11.57 -8.11 -3.66
C ARG A 58 -10.44 -9.08 -3.99
N ILE A 59 -10.02 -9.08 -5.25
CA ILE A 59 -8.95 -9.98 -5.66
C ILE A 59 -7.63 -9.55 -5.00
N ALA A 60 -7.37 -8.24 -4.94
CA ALA A 60 -6.18 -7.74 -4.26
C ALA A 60 -6.23 -8.09 -2.81
N ALA A 61 -7.42 -7.94 -2.20
CA ALA A 61 -7.55 -8.21 -0.74
C ALA A 61 -7.29 -9.75 -0.47
N GLY A 62 -7.73 -10.61 -1.39
CA GLY A 62 -7.48 -12.05 -1.35
C GLY A 62 -5.98 -12.30 -1.37
N ALA A 63 -5.29 -11.68 -2.34
CA ALA A 63 -3.84 -11.92 -2.47
C ALA A 63 -3.09 -11.45 -1.24
N LEU A 64 -3.49 -10.30 -0.72
CA LEU A 64 -2.84 -9.80 0.50
C LEU A 64 -3.06 -10.69 1.67
N ALA A 65 -4.31 -11.18 1.83
CA ALA A 65 -4.56 -12.03 2.95
C ALA A 65 -3.81 -13.34 2.86
N GLU A 66 -3.80 -13.96 1.66
CA GLU A 66 -3.04 -15.23 1.50
C GLU A 66 -1.54 -15.00 1.76
N ALA A 67 -0.99 -13.98 1.14
CA ALA A 67 0.47 -13.68 1.45
C ALA A 67 0.70 -13.35 2.93
N GLY A 68 -0.20 -12.64 3.55
CA GLY A 68 -0.02 -12.29 4.96
C GLY A 68 -0.13 -13.51 5.87
N LYS A 69 -1.01 -14.48 5.50
CA LYS A 69 -1.17 -15.71 6.30
C LYS A 69 0.19 -16.44 6.29
N ALA A 70 0.97 -16.25 5.21
CA ALA A 70 2.32 -16.88 5.09
C ALA A 70 3.43 -16.20 5.84
N VAL A 71 3.19 -15.02 6.46
CA VAL A 71 4.28 -14.31 7.15
C VAL A 71 4.58 -15.10 8.45
N ALA A 72 5.86 -15.47 8.62
CA ALA A 72 6.35 -16.26 9.76
C ALA A 72 7.84 -16.21 9.70
N PRO A 73 8.47 -16.40 10.86
CA PRO A 73 9.97 -16.50 10.80
C PRO A 73 10.35 -17.63 9.91
N GLY A 74 11.39 -17.38 9.11
CA GLY A 74 11.99 -18.35 8.23
C GLY A 74 11.56 -18.19 6.76
N VAL A 75 10.45 -17.49 6.52
CA VAL A 75 9.91 -17.33 5.16
C VAL A 75 10.64 -16.16 4.49
N THR A 76 10.93 -16.27 3.20
CA THR A 76 11.57 -15.11 2.54
C THR A 76 10.53 -14.17 1.92
N THR A 77 10.96 -12.93 1.68
CA THR A 77 9.98 -12.02 1.06
C THR A 77 9.70 -12.47 -0.39
N ASP A 78 10.64 -13.10 -1.08
CA ASP A 78 10.32 -13.69 -2.36
C ASP A 78 9.21 -14.76 -2.34
N GLU A 79 9.19 -15.56 -1.25
CA GLU A 79 8.11 -16.58 -1.05
C GLU A 79 6.75 -15.84 -0.96
N LEU A 80 6.69 -14.68 -0.32
CA LEU A 80 5.43 -13.94 -0.20
C LEU A 80 5.02 -13.48 -1.58
N ASP A 81 6.00 -13.02 -2.35
CA ASP A 81 5.71 -12.58 -3.71
C ASP A 81 5.17 -13.72 -4.57
N ARG A 82 5.75 -14.93 -4.50
CA ARG A 82 5.26 -15.98 -5.35
C ARG A 82 3.78 -16.28 -4.99
N ILE A 83 3.46 -16.24 -3.69
CA ILE A 83 2.07 -16.45 -3.26
C ILE A 83 1.18 -15.38 -3.82
N ALA A 84 1.58 -14.09 -3.72
CA ALA A 84 0.70 -13.04 -4.22
C ALA A 84 0.57 -13.15 -5.73
N HIS A 85 1.67 -13.41 -6.41
CA HIS A 85 1.66 -13.41 -7.88
C HIS A 85 0.74 -14.51 -8.40
N GLU A 86 0.83 -15.72 -7.79
CA GLU A 86 0.05 -16.84 -8.26
C GLU A 86 -1.39 -16.60 -7.93
N TYR A 87 -1.70 -15.96 -6.81
CA TYR A 87 -3.17 -15.72 -6.45
C TYR A 87 -3.78 -14.77 -7.48
N LEU A 88 -2.98 -13.73 -7.83
CA LEU A 88 -3.45 -12.75 -8.79
C LEU A 88 -3.65 -13.44 -10.14
N VAL A 89 -2.59 -14.11 -10.62
CA VAL A 89 -2.68 -14.68 -11.98
C VAL A 89 -3.77 -15.75 -12.07
N ASP A 90 -3.94 -16.58 -11.02
CA ASP A 90 -5.00 -17.60 -11.07
C ASP A 90 -6.40 -16.98 -11.05
N ASN A 91 -6.48 -15.74 -10.54
CA ASN A 91 -7.72 -14.92 -10.66
C ASN A 91 -7.82 -14.05 -11.91
N GLY A 92 -6.94 -14.29 -12.89
CA GLY A 92 -6.96 -13.51 -14.16
C GLY A 92 -6.61 -12.05 -14.03
N ALA A 93 -5.92 -11.68 -12.95
CA ALA A 93 -5.47 -10.25 -12.66
C ALA A 93 -3.97 -10.10 -12.94
N TYR A 94 -3.58 -8.94 -13.41
CA TYR A 94 -2.15 -8.67 -13.68
C TYR A 94 -1.69 -8.01 -12.39
N PRO A 95 -0.49 -8.36 -11.88
CA PRO A 95 -0.05 -7.69 -10.64
C PRO A 95 0.45 -6.28 -11.01
N SER A 96 -0.27 -5.22 -10.59
CA SER A 96 -0.02 -3.87 -11.22
C SER A 96 1.48 -3.46 -10.99
N THR A 97 2.10 -3.89 -9.90
CA THR A 97 3.50 -3.40 -9.69
C THR A 97 4.43 -3.95 -10.76
N LEU A 98 4.09 -5.07 -11.38
CA LEU A 98 5.12 -5.80 -12.17
C LEU A 98 5.36 -5.09 -13.48
N GLY A 99 6.55 -4.46 -13.60
CA GLY A 99 6.84 -3.71 -14.81
C GLY A 99 6.46 -2.22 -14.69
N TYR A 100 5.95 -1.78 -13.54
CA TYR A 100 5.69 -0.33 -13.40
C TYR A 100 7.02 0.35 -13.22
N LYS A 101 7.38 1.22 -14.15
CA LYS A 101 8.70 1.89 -14.10
C LYS A 101 9.79 0.88 -13.85
N GLY A 102 9.56 -0.31 -14.38
CA GLY A 102 10.63 -1.36 -14.30
C GLY A 102 10.68 -2.13 -12.96
N PHE A 103 9.67 -1.96 -12.10
CA PHE A 103 9.66 -2.65 -10.84
C PHE A 103 9.63 -4.15 -11.18
N PRO A 104 10.53 -4.95 -10.54
CA PRO A 104 10.75 -6.31 -11.01
C PRO A 104 9.88 -7.46 -10.42
N LYS A 105 9.00 -7.14 -9.44
CA LYS A 105 8.24 -8.20 -8.75
C LYS A 105 6.75 -7.83 -8.77
N SER A 106 5.96 -8.57 -8.02
CA SER A 106 4.48 -8.54 -8.14
C SER A 106 3.83 -8.00 -6.92
N CYS A 107 4.61 -7.59 -5.95
CA CYS A 107 4.09 -6.90 -4.77
C CYS A 107 5.30 -6.19 -4.13
N CYS A 108 5.06 -5.37 -3.10
CA CYS A 108 6.19 -4.74 -2.34
C CYS A 108 6.18 -5.28 -0.94
N THR A 109 7.39 -5.65 -0.45
CA THR A 109 7.51 -6.24 0.89
C THR A 109 8.49 -5.37 1.67
N SER A 110 7.95 -4.68 2.68
CA SER A 110 8.68 -3.62 3.41
C SER A 110 8.78 -3.95 4.91
N LEU A 111 9.92 -4.54 5.31
CA LEU A 111 10.11 -4.91 6.68
C LEU A 111 10.63 -3.73 7.49
N ASN A 112 10.24 -3.67 8.77
CA ASN A 112 11.03 -2.92 9.78
C ASN A 112 11.24 -1.45 9.43
N GLU A 113 12.47 -1.02 9.14
CA GLU A 113 12.76 0.38 8.83
C GLU A 113 12.47 0.74 7.40
N VAL A 114 11.99 -0.21 6.58
CA VAL A 114 11.65 0.13 5.20
C VAL A 114 10.27 0.80 5.19
N ILE A 115 10.26 2.08 4.79
CA ILE A 115 9.02 2.87 4.79
C ILE A 115 8.00 2.30 3.75
N CYS A 116 8.55 2.06 2.57
CA CYS A 116 7.75 1.48 1.46
C CYS A 116 8.59 1.00 0.32
N HIS A 117 7.91 0.27 -0.56
CA HIS A 117 8.47 -0.08 -1.89
C HIS A 117 9.65 -1.09 -1.83
N GLY A 118 9.68 -1.83 -0.76
CA GLY A 118 10.71 -2.94 -0.70
C GLY A 118 10.46 -3.95 -1.80
N ILE A 119 11.55 -4.54 -2.34
CA ILE A 119 11.47 -5.47 -3.45
C ILE A 119 11.63 -6.90 -2.87
N PRO A 120 10.64 -7.76 -3.06
CA PRO A 120 10.76 -9.15 -2.61
C PRO A 120 12.04 -9.78 -3.10
N ASP A 121 12.72 -10.50 -2.20
CA ASP A 121 14.04 -11.09 -2.60
C ASP A 121 14.43 -12.18 -1.62
N SER A 122 15.75 -12.44 -1.55
CA SER A 122 16.23 -13.51 -0.62
C SER A 122 16.16 -13.20 0.88
N THR A 123 15.71 -12.00 1.28
CA THR A 123 15.58 -11.61 2.69
C THR A 123 14.69 -12.60 3.48
N VAL A 124 15.24 -13.10 4.59
CA VAL A 124 14.56 -14.10 5.42
C VAL A 124 13.92 -13.32 6.60
N ILE A 125 12.61 -13.49 6.74
CA ILE A 125 11.89 -12.84 7.86
C ILE A 125 12.25 -13.55 9.12
N THR A 126 12.36 -12.80 10.22
CA THR A 126 12.72 -13.42 11.50
C THR A 126 11.87 -13.00 12.65
N ASP A 127 11.93 -13.70 13.79
CA ASP A 127 11.15 -13.27 14.92
C ASP A 127 11.36 -11.80 15.27
N GLY A 128 10.22 -11.15 15.50
CA GLY A 128 10.15 -9.75 15.92
C GLY A 128 9.99 -8.78 14.77
N ASP A 129 10.11 -9.28 13.52
CA ASP A 129 10.00 -8.35 12.34
C ASP A 129 8.55 -7.90 12.24
N ILE A 130 8.39 -6.73 11.60
CA ILE A 130 7.00 -6.33 11.12
C ILE A 130 7.14 -6.27 9.58
N VAL A 131 6.17 -6.86 8.89
CA VAL A 131 6.32 -7.05 7.45
C VAL A 131 5.09 -6.42 6.77
N ASN A 132 5.35 -5.33 6.04
CA ASN A 132 4.29 -4.75 5.18
C ASN A 132 4.28 -5.43 3.84
N ILE A 133 3.09 -5.90 3.41
CA ILE A 133 2.93 -6.47 2.04
C ILE A 133 1.94 -5.53 1.37
N ASP A 134 2.33 -5.05 0.18
CA ASP A 134 1.43 -4.16 -0.63
C ASP A 134 1.12 -4.85 -1.94
N VAL A 135 -0.17 -5.14 -2.18
CA VAL A 135 -0.57 -5.95 -3.36
C VAL A 135 -1.51 -5.09 -4.18
N THR A 136 -1.32 -5.02 -5.49
CA THR A 136 -2.17 -4.24 -6.38
C THR A 136 -2.56 -5.15 -7.54
N ALA A 137 -3.81 -5.04 -7.95
CA ALA A 137 -4.33 -5.92 -9.01
C ALA A 137 -4.88 -5.07 -10.15
N TYR A 138 -4.60 -5.47 -11.40
CA TYR A 138 -5.20 -4.76 -12.52
C TYR A 138 -6.04 -5.79 -13.26
N ILE A 139 -7.35 -5.54 -13.32
CA ILE A 139 -8.25 -6.53 -13.97
C ILE A 139 -9.48 -5.77 -14.32
N GLY A 140 -10.09 -6.11 -15.48
CA GLY A 140 -11.25 -5.24 -15.86
C GLY A 140 -10.81 -3.83 -16.23
N GLY A 141 -9.54 -3.57 -16.57
CA GLY A 141 -9.15 -2.19 -16.96
C GLY A 141 -8.98 -1.23 -15.78
N VAL A 142 -9.03 -1.76 -14.58
CA VAL A 142 -8.96 -0.92 -13.33
C VAL A 142 -8.05 -1.49 -12.28
N HIS A 143 -7.60 -0.66 -11.31
CA HIS A 143 -6.70 -1.12 -10.28
C HIS A 143 -7.35 -1.22 -8.90
N GLY A 144 -6.87 -2.11 -8.05
CA GLY A 144 -7.18 -2.13 -6.63
C GLY A 144 -5.85 -2.14 -5.87
N ASP A 145 -5.78 -1.46 -4.75
CA ASP A 145 -4.45 -1.29 -4.13
C ASP A 145 -4.68 -1.50 -2.56
N THR A 146 -3.92 -2.37 -1.91
CA THR A 146 -4.14 -2.57 -0.47
C THR A 146 -2.92 -3.13 0.16
N ASN A 147 -2.77 -2.85 1.48
CA ASN A 147 -1.54 -3.30 2.18
C ASN A 147 -1.77 -3.39 3.65
N ALA A 148 -0.95 -4.18 4.31
CA ALA A 148 -1.12 -4.31 5.74
C ALA A 148 0.24 -4.67 6.30
N THR A 149 0.43 -4.39 7.59
CA THR A 149 1.73 -4.78 8.26
C THR A 149 1.42 -5.97 9.20
N PHE A 150 2.21 -7.08 9.05
CA PHE A 150 1.96 -8.35 9.71
C PHE A 150 3.14 -8.61 10.60
N PRO A 151 2.85 -8.94 11.88
CA PRO A 151 3.93 -9.28 12.83
C PRO A 151 4.47 -10.69 12.50
N ALA A 152 5.79 -10.92 12.71
CA ALA A 152 6.44 -12.26 12.57
C ALA A 152 6.90 -12.71 13.94
N GLY A 153 6.30 -13.76 14.49
CA GLY A 153 6.67 -14.20 15.87
C GLY A 153 6.29 -13.13 16.90
N ASP A 154 6.99 -13.09 18.02
CA ASP A 154 6.62 -12.14 19.11
C ASP A 154 7.36 -10.84 18.85
N VAL A 155 6.59 -9.77 18.66
CA VAL A 155 7.19 -8.51 18.26
C VAL A 155 7.30 -7.70 19.59
N ALA A 156 8.40 -6.93 19.73
CA ALA A 156 8.71 -6.05 20.90
C ALA A 156 7.57 -5.07 21.06
N ASP A 157 7.27 -4.69 22.32
CA ASP A 157 6.07 -3.86 22.57
C ASP A 157 6.04 -2.58 21.74
N GLU A 158 7.18 -1.88 21.65
CA GLU A 158 7.29 -0.62 20.93
C GLU A 158 6.82 -0.82 19.48
N HIS A 159 7.25 -1.94 18.89
CA HIS A 159 6.90 -2.22 17.51
C HIS A 159 5.46 -2.74 17.33
N ARG A 160 4.96 -3.60 18.24
CA ARG A 160 3.59 -4.04 18.24
C ARG A 160 2.66 -2.85 18.32
N LEU A 161 2.97 -1.90 19.22
CA LEU A 161 2.07 -0.79 19.45
C LEU A 161 2.10 0.14 18.21
N LEU A 162 3.27 0.31 17.59
CA LEU A 162 3.33 1.11 16.33
C LEU A 162 2.37 0.49 15.29
N VAL A 163 2.41 -0.85 15.13
CA VAL A 163 1.59 -1.50 14.10
C VAL A 163 0.14 -1.32 14.48
N ASP A 164 -0.26 -1.60 15.73
CA ASP A 164 -1.69 -1.52 16.08
C ASP A 164 -2.25 -0.08 15.96
N ARG A 165 -1.41 0.89 16.29
CA ARG A 165 -1.90 2.27 16.33
C ARG A 165 -1.97 2.77 14.91
N THR A 166 -1.05 2.30 14.05
CA THR A 166 -1.12 2.70 12.58
C THR A 166 -2.38 2.09 11.97
N ARG A 167 -2.73 0.83 12.30
CA ARG A 167 -3.95 0.27 11.77
C ARG A 167 -5.13 1.14 12.27
N GLU A 168 -5.09 1.49 13.58
CA GLU A 168 -6.21 2.29 14.15
C GLU A 168 -6.27 3.67 13.47
N ALA A 169 -5.13 4.31 13.23
CA ALA A 169 -5.17 5.63 12.58
C ALA A 169 -5.80 5.49 11.18
N THR A 170 -5.45 4.43 10.48
CA THR A 170 -6.06 4.21 9.13
C THR A 170 -7.58 4.00 9.23
N MET A 171 -8.04 3.16 10.18
CA MET A 171 -9.47 2.91 10.27
C MET A 171 -10.18 4.19 10.70
N ARG A 172 -9.61 4.94 11.64
CA ARG A 172 -10.28 6.25 12.04
C ARG A 172 -10.40 7.20 10.85
N ALA A 173 -9.37 7.24 10.02
CA ALA A 173 -9.45 8.08 8.79
C ALA A 173 -10.49 7.59 7.82
N ILE A 174 -10.56 6.28 7.61
CA ILE A 174 -11.54 5.71 6.66
C ILE A 174 -12.95 6.06 7.17
N ASN A 175 -13.13 6.07 8.47
CA ASN A 175 -14.46 6.30 9.06
C ASN A 175 -14.91 7.77 9.00
N THR A 176 -14.04 8.69 8.63
CA THR A 176 -14.43 10.05 8.40
C THR A 176 -14.90 10.23 6.97
N VAL A 177 -14.78 9.24 6.09
CA VAL A 177 -15.09 9.55 4.68
C VAL A 177 -16.59 9.58 4.40
N LYS A 178 -17.04 10.68 3.81
CA LYS A 178 -18.48 10.92 3.63
C LYS A 178 -18.57 12.08 2.62
N PRO A 179 -19.59 12.08 1.75
CA PRO A 179 -19.68 13.19 0.88
C PRO A 179 -19.85 14.53 1.58
N GLY A 180 -19.18 15.55 1.03
CA GLY A 180 -19.24 16.93 1.59
C GLY A 180 -18.12 17.28 2.57
N ARG A 181 -17.46 16.23 3.12
CA ARG A 181 -16.30 16.39 4.04
C ARG A 181 -15.05 16.82 3.27
N ALA A 182 -14.22 17.71 3.84
CA ALA A 182 -12.93 18.11 3.23
C ALA A 182 -12.02 16.86 3.28
N LEU A 183 -11.37 16.60 2.17
CA LEU A 183 -10.39 15.50 2.10
C LEU A 183 -9.35 15.70 3.18
N SER A 184 -9.04 16.95 3.55
CA SER A 184 -8.00 17.21 4.52
C SER A 184 -8.33 16.63 5.89
N VAL A 185 -9.57 16.20 6.14
CA VAL A 185 -9.88 15.66 7.48
C VAL A 185 -9.10 14.34 7.73
N ILE A 186 -8.83 13.65 6.61
CA ILE A 186 -8.09 12.40 6.73
C ILE A 186 -6.76 12.65 7.40
N GLY A 187 -5.90 13.55 6.87
CA GLY A 187 -4.58 13.77 7.48
C GLY A 187 -4.68 14.44 8.87
N ARG A 188 -5.71 15.28 9.08
CA ARG A 188 -5.94 15.83 10.43
C ARG A 188 -6.12 14.73 11.47
N VAL A 189 -6.99 13.76 11.14
CA VAL A 189 -7.28 12.66 12.07
C VAL A 189 -6.06 11.75 12.26
N ILE A 190 -5.39 11.38 11.15
CA ILE A 190 -4.20 10.50 11.30
C ILE A 190 -3.11 11.19 12.13
N GLU A 191 -2.79 12.41 11.81
CA GLU A 191 -1.64 13.09 12.47
C GLU A 191 -1.95 13.38 13.94
N SER A 192 -3.20 13.73 14.20
CA SER A 192 -3.64 13.99 15.59
C SER A 192 -3.44 12.69 16.43
N TYR A 193 -3.92 11.58 15.88
CA TYR A 193 -3.83 10.27 16.54
C TYR A 193 -2.36 9.87 16.72
N ALA A 194 -1.56 9.94 15.66
CA ALA A 194 -0.14 9.57 15.73
C ALA A 194 0.61 10.40 16.77
N ASN A 195 0.29 11.70 16.80
CA ASN A 195 0.89 12.67 17.71
C ASN A 195 0.68 12.33 19.19
N ARG A 196 -0.40 11.64 19.52
CA ARG A 196 -0.63 11.10 20.89
C ARG A 196 0.55 10.32 21.40
N PHE A 197 1.26 9.64 20.50
CA PHE A 197 2.26 8.69 20.92
C PHE A 197 3.65 9.14 20.57
N GLY A 198 3.73 10.41 20.11
CA GLY A 198 4.98 10.99 19.59
C GLY A 198 5.53 10.30 18.33
N TYR A 199 4.64 9.70 17.53
CA TYR A 199 5.04 9.21 16.19
C TYR A 199 5.08 10.37 15.15
N ASN A 200 5.87 10.19 14.08
CA ASN A 200 5.95 11.12 12.95
C ASN A 200 5.30 10.58 11.71
N VAL A 201 4.36 11.33 11.11
CA VAL A 201 3.63 10.80 9.90
C VAL A 201 4.38 11.17 8.68
N VAL A 202 4.65 10.20 7.78
CA VAL A 202 5.44 10.46 6.59
C VAL A 202 4.63 11.44 5.71
N ARG A 203 5.36 12.38 5.15
CA ARG A 203 4.77 13.47 4.30
C ARG A 203 4.98 13.31 2.78
N ASP A 204 6.14 12.82 2.38
CA ASP A 204 6.47 12.81 0.99
C ASP A 204 5.82 11.68 0.22
N PHE A 205 5.21 10.73 0.92
CA PHE A 205 4.45 9.68 0.21
C PHE A 205 3.02 9.78 0.76
N THR A 206 2.07 9.57 -0.16
CA THR A 206 0.64 9.97 0.13
C THR A 206 -0.30 8.93 -0.39
N GLY A 207 -1.58 9.11 -0.01
CA GLY A 207 -2.65 8.35 -0.64
C GLY A 207 -2.91 8.94 -2.02
N HIS A 208 -3.72 8.28 -2.84
CA HIS A 208 -3.86 8.70 -4.23
C HIS A 208 -5.21 8.28 -4.73
N GLY A 209 -5.74 9.11 -5.64
CA GLY A 209 -6.91 8.67 -6.47
C GLY A 209 -6.49 7.40 -7.24
N ILE A 210 -7.44 6.51 -7.53
CA ILE A 210 -7.11 5.28 -8.28
C ILE A 210 -8.34 4.87 -9.04
N GLY A 211 -8.13 4.40 -10.25
CA GLY A 211 -9.27 3.97 -11.10
C GLY A 211 -8.75 3.18 -12.27
N THR A 212 -8.89 3.76 -13.47
CA THR A 212 -8.26 3.07 -14.64
C THR A 212 -6.77 3.32 -14.65
N THR A 213 -6.35 4.25 -13.78
CA THR A 213 -4.87 4.50 -13.62
C THR A 213 -4.56 4.39 -12.10
N PHE A 214 -3.29 4.11 -11.77
CA PHE A 214 -2.97 3.82 -10.38
C PHE A 214 -2.82 5.01 -9.49
N HIS A 215 -2.04 6.03 -9.93
CA HIS A 215 -1.99 7.34 -9.26
C HIS A 215 -2.65 8.38 -10.16
N ASN A 216 -3.95 8.64 -9.97
CA ASN A 216 -4.61 9.39 -11.02
C ASN A 216 -4.43 10.88 -10.95
N GLY A 217 -3.67 11.36 -9.98
CA GLY A 217 -3.36 12.80 -9.80
C GLY A 217 -4.07 13.37 -8.60
N LEU A 218 -5.14 12.74 -8.16
CA LEU A 218 -5.68 13.14 -6.81
C LEU A 218 -4.67 12.73 -5.71
N VAL A 219 -4.30 13.66 -4.80
CA VAL A 219 -3.33 13.32 -3.72
C VAL A 219 -4.09 13.38 -2.40
N VAL A 220 -3.86 12.39 -1.51
CA VAL A 220 -4.54 12.34 -0.20
C VAL A 220 -3.46 12.49 0.86
N LEU A 221 -3.33 13.65 1.49
CA LEU A 221 -2.23 13.82 2.45
C LEU A 221 -2.57 13.08 3.75
N HIS A 222 -1.57 12.51 4.41
CA HIS A 222 -1.87 11.88 5.70
C HIS A 222 -1.49 12.75 6.95
N TYR A 223 -1.01 13.94 6.68
CA TYR A 223 -0.64 14.95 7.73
C TYR A 223 -1.68 16.08 7.64
N ASP A 224 -1.62 16.98 8.61
CA ASP A 224 -2.64 17.99 8.71
C ASP A 224 -2.25 19.12 7.79
N GLN A 225 -3.14 19.41 6.83
CA GLN A 225 -2.97 20.59 5.96
C GLN A 225 -4.35 21.06 5.48
N PRO A 226 -5.00 21.94 6.30
CA PRO A 226 -6.39 22.34 6.05
C PRO A 226 -6.58 23.30 4.88
N ALA A 227 -5.47 23.76 4.28
CA ALA A 227 -5.58 24.65 3.14
C ALA A 227 -6.05 23.88 1.91
N VAL A 228 -5.86 22.54 1.90
CA VAL A 228 -6.46 21.76 0.78
C VAL A 228 -7.98 21.92 0.63
N GLU A 229 -8.48 22.34 -0.55
CA GLU A 229 -9.92 22.67 -0.62
C GLU A 229 -10.77 21.48 -1.12
N THR A 230 -10.12 20.39 -1.55
CA THR A 230 -10.84 19.29 -2.17
C THR A 230 -11.90 18.68 -1.25
N ILE A 231 -13.12 18.51 -1.79
CA ILE A 231 -14.20 17.88 -0.99
C ILE A 231 -14.48 16.44 -1.50
N MET A 232 -14.82 15.51 -0.59
CA MET A 232 -15.13 14.14 -0.98
C MET A 232 -16.55 14.18 -1.62
N GLN A 233 -16.72 13.55 -2.78
CA GLN A 233 -17.98 13.54 -3.48
C GLN A 233 -18.31 12.10 -3.83
N PRO A 234 -19.61 11.78 -3.99
CA PRO A 234 -19.95 10.42 -4.35
C PRO A 234 -19.34 9.95 -5.68
N GLY A 235 -18.79 8.74 -5.65
CA GLY A 235 -18.16 8.21 -6.82
C GLY A 235 -16.64 8.40 -6.84
N MET A 236 -16.11 9.24 -5.98
CA MET A 236 -14.61 9.37 -5.90
C MET A 236 -14.06 8.09 -5.37
N THR A 237 -12.93 7.65 -5.99
CA THR A 237 -12.25 6.42 -5.49
C THR A 237 -10.82 6.82 -5.16
N PHE A 238 -10.35 6.52 -3.94
CA PHE A 238 -8.96 6.95 -3.62
C PHE A 238 -8.52 6.06 -2.45
N THR A 239 -7.23 6.11 -2.13
CA THR A 239 -6.68 5.27 -1.05
C THR A 239 -6.39 6.14 0.18
N ILE A 240 -6.34 5.47 1.33
CA ILE A 240 -5.78 6.03 2.52
C ILE A 240 -4.72 5.03 2.96
N GLU A 241 -3.53 5.52 3.21
CA GLU A 241 -2.35 4.61 3.34
C GLU A 241 -1.19 5.23 4.14
N PRO A 242 -1.50 5.68 5.36
CA PRO A 242 -0.43 6.35 6.12
C PRO A 242 0.77 5.50 6.49
N MET A 243 1.94 6.09 6.36
CA MET A 243 3.22 5.47 6.81
C MET A 243 3.57 6.26 8.06
N ILE A 244 3.78 5.56 9.18
CA ILE A 244 3.92 6.26 10.49
C ILE A 244 5.26 5.71 11.08
N ASN A 245 6.06 6.62 11.56
CA ASN A 245 7.48 6.36 11.88
C ASN A 245 7.62 6.49 13.41
N LEU A 246 8.36 5.56 14.03
CA LEU A 246 8.87 5.75 15.42
C LEU A 246 9.92 6.85 15.52
N GLY A 247 10.72 6.99 14.46
CA GLY A 247 11.88 7.90 14.39
C GLY A 247 11.56 9.14 13.56
N ALA A 248 12.60 9.77 13.07
CA ALA A 248 12.45 10.98 12.29
C ALA A 248 11.98 10.67 10.87
N LEU A 249 11.49 11.70 10.20
CA LEU A 249 11.09 11.47 8.81
C LEU A 249 12.18 11.28 7.73
N ASP A 250 13.45 11.66 8.02
CA ASP A 250 14.47 11.64 7.02
C ASP A 250 14.63 10.21 6.47
N TYR A 251 14.78 10.07 5.17
CA TYR A 251 14.87 8.74 4.54
C TYR A 251 15.91 8.74 3.47
N GLU A 252 16.27 7.54 2.99
CA GLU A 252 17.25 7.34 1.93
C GLU A 252 16.57 6.33 0.97
N ILE A 253 17.06 6.24 -0.26
CA ILE A 253 16.58 5.23 -1.24
C ILE A 253 17.74 4.37 -1.59
N TRP A 254 17.55 3.05 -1.55
CA TRP A 254 18.62 2.10 -1.90
C TRP A 254 18.99 2.23 -3.35
N ASP A 255 20.18 1.73 -3.69
CA ASP A 255 20.60 1.70 -5.07
C ASP A 255 19.68 1.07 -6.10
N ASP A 256 18.80 0.17 -5.65
CA ASP A 256 17.75 -0.35 -6.52
C ASP A 256 16.70 0.67 -7.04
N GLY A 257 16.71 1.87 -6.46
CA GLY A 257 15.87 2.99 -6.90
C GLY A 257 14.46 2.95 -6.35
N TRP A 258 14.15 1.96 -5.51
CA TRP A 258 12.81 1.71 -4.99
C TRP A 258 12.72 1.69 -3.49
N THR A 259 13.62 0.93 -2.85
CA THR A 259 13.54 0.70 -1.40
C THR A 259 13.77 1.96 -0.59
N VAL A 260 12.77 2.39 0.15
CA VAL A 260 12.90 3.66 0.91
C VAL A 260 13.07 3.29 2.36
N VAL A 261 14.17 3.76 2.95
CA VAL A 261 14.41 3.38 4.33
C VAL A 261 14.53 4.63 5.25
N THR A 262 14.13 4.48 6.53
CA THR A 262 14.43 5.57 7.49
C THR A 262 15.99 5.77 7.65
N LYS A 263 16.40 7.04 7.67
CA LYS A 263 17.86 7.31 7.85
C LYS A 263 18.33 6.82 9.26
N ASP A 264 17.50 6.96 10.28
CA ASP A 264 17.89 6.52 11.63
C ASP A 264 17.59 5.04 11.92
N ARG A 265 17.05 4.34 10.89
CA ARG A 265 16.76 2.89 10.97
C ARG A 265 15.71 2.49 12.02
N LYS A 266 14.98 3.45 12.55
CA LYS A 266 13.87 3.14 13.41
C LYS A 266 12.68 2.62 12.57
N TRP A 267 11.81 1.82 13.15
CA TRP A 267 10.89 1.05 12.30
C TRP A 267 9.72 1.93 11.99
N THR A 268 8.90 1.45 11.06
CA THR A 268 7.81 2.26 10.43
C THR A 268 6.75 1.24 10.01
N ALA A 269 5.48 1.67 9.98
CA ALA A 269 4.38 0.71 9.64
C ALA A 269 3.34 1.44 8.76
N GLN A 270 2.54 0.67 8.02
CA GLN A 270 1.59 1.26 7.05
C GLN A 270 0.43 0.26 6.92
N PHE A 271 -0.75 0.79 6.67
CA PHE A 271 -1.89 0.01 6.20
C PHE A 271 -2.52 0.83 5.08
N GLU A 272 -3.25 0.15 4.18
CA GLU A 272 -3.73 0.83 2.95
C GLU A 272 -5.01 0.15 2.50
N HIS A 273 -6.05 0.94 2.20
CA HIS A 273 -7.20 0.41 1.47
C HIS A 273 -7.61 1.36 0.35
N THR A 274 -8.27 0.78 -0.66
CA THR A 274 -8.92 1.60 -1.73
C THR A 274 -10.39 1.78 -1.28
N LEU A 275 -10.86 2.99 -1.42
CA LEU A 275 -12.15 3.42 -0.86
C LEU A 275 -12.99 4.01 -1.94
N LEU A 276 -14.31 3.86 -1.78
CA LEU A 276 -15.27 4.56 -2.67
C LEU A 276 -16.11 5.47 -1.75
N VAL A 277 -16.33 6.70 -2.18
CA VAL A 277 -17.23 7.60 -1.39
C VAL A 277 -18.60 7.23 -1.93
N THR A 278 -19.52 6.94 -1.01
CA THR A 278 -20.83 6.54 -1.48
C THR A 278 -21.81 7.74 -1.22
N ASP A 279 -23.12 7.54 -1.49
CA ASP A 279 -24.01 8.67 -1.23
C ASP A 279 -24.15 9.04 0.21
N THR A 280 -23.81 8.15 1.13
CA THR A 280 -23.97 8.39 2.54
C THR A 280 -22.68 8.32 3.36
N GLY A 281 -21.58 7.79 2.78
CA GLY A 281 -20.51 7.35 3.65
C GLY A 281 -19.39 6.79 2.77
N VAL A 282 -18.87 5.63 3.18
CA VAL A 282 -17.67 5.07 2.45
C VAL A 282 -17.87 3.57 2.30
N GLU A 283 -17.31 2.98 1.24
CA GLU A 283 -17.28 1.54 1.08
C GLU A 283 -15.82 1.21 0.86
N ILE A 284 -15.28 0.28 1.63
CA ILE A 284 -13.88 -0.17 1.35
C ILE A 284 -13.92 -1.21 0.22
N LEU A 285 -13.21 -0.94 -0.84
CA LEU A 285 -13.26 -1.86 -1.96
C LEU A 285 -12.32 -3.04 -1.78
N THR A 286 -11.32 -2.90 -0.92
CA THR A 286 -10.26 -3.91 -0.81
C THR A 286 -10.57 -4.74 0.46
N CYS A 287 -11.82 -5.29 0.52
CA CYS A 287 -12.22 -6.19 1.60
C CYS A 287 -12.49 -7.56 1.01
N LEU A 288 -12.31 -8.54 1.88
CA LEU A 288 -12.70 -9.93 1.49
C LEU A 288 -14.22 -10.11 1.37
NI NI B . -0.30 -0.07 -2.20
NI NI C . -1.35 3.05 -2.53
S T07 D . 3.12 -0.20 -3.80
C1 T07 D . 1.72 0.38 -8.97
N1 T07 D . 2.58 2.49 -3.87
CL1 T07 D . 4.49 2.64 -7.22
C2 T07 D . 3.32 1.31 -7.53
N2 T07 D . 0.46 2.52 -3.32
CL2 T07 D . 0.90 0.45 -10.51
C3 T07 D . 3.08 0.37 -6.60
N3 T07 D . 1.45 4.65 -3.81
C4 T07 D . 3.93 0.32 -5.33
N4 T07 D . 0.84 1.18 -3.27
C5 T07 D . 2.65 1.40 -8.75
C6 T07 D . 2.02 -0.53 -6.81
C7 T07 D . 1.38 -0.48 -8.00
C8 T07 D . 1.49 3.28 -3.68
C9 T07 D . 2.12 1.23 -3.64
S SO4 E . -0.38 -18.34 -25.80
O1 SO4 E . -0.61 -17.49 -24.62
O2 SO4 E . 0.96 -18.97 -25.61
O3 SO4 E . -1.44 -19.37 -25.59
O4 SO4 E . -0.57 -17.56 -27.05
CL CL F . -10.61 8.44 21.67
#